data_7OUX
#
_entry.id   7OUX
#
_cell.length_a   45.170
_cell.length_b   68.580
_cell.length_c   159.260
_cell.angle_alpha   90.000
_cell.angle_beta   90.000
_cell.angle_gamma   90.000
#
_symmetry.space_group_name_H-M   'P 21 21 21'
#
loop_
_entity.id
_entity.type
_entity.pdbx_description
1 polymer 'Protein mono-ADP-ribosyltransferase PARP15'
2 non-polymer 8-ethoxy-4~{H}-thieno[2,3-c]isoquinolin-5-one
3 non-polymer 'DIMETHYL SULFOXIDE'
4 water water
#
_entity_poly.entity_id   1
_entity_poly.type   'polypeptide(L)'
_entity_poly.pdbx_seq_one_letter_code
;MHHHHHHSSGVDLGTENLYFQSMNLPEHWTDMNHQLFCMVQLEPGQSEYNTIKDKFTRTCSSYAIEKIERIQNAFLWQSY
QVKKRQMDIKNDHKNNERLLFHGTDADSVPYVNQHGFNRSCAGKNAVSYGKGTYFAVDASYSAKDTYSKPDSNGRKHMYV
VRVLTGVFTKGRAGLVTPPPKNPHNPTDLFDSVTNNTRSPKLFVVFFDNQAYPEYLITFTA
;
_entity_poly.pdbx_strand_id   A,B
#
# COMPACT_ATOMS: atom_id res chain seq x y z
N LEU A 25 5.83 20.03 -2.17
CA LEU A 25 4.47 20.34 -1.61
C LEU A 25 3.79 21.40 -2.48
N PRO A 26 2.53 21.18 -2.93
CA PRO A 26 1.87 22.07 -3.89
C PRO A 26 1.76 23.54 -3.48
N GLU A 27 1.49 24.41 -4.47
CA GLU A 27 1.49 25.89 -4.32
C GLU A 27 0.32 26.31 -3.43
N HIS A 28 -0.91 25.91 -3.79
CA HIS A 28 -2.21 26.24 -3.14
C HIS A 28 -2.25 25.79 -1.68
N TRP A 29 -1.32 24.94 -1.21
CA TRP A 29 -1.15 24.65 0.23
C TRP A 29 -0.72 25.93 0.96
N THR A 30 -1.09 26.10 2.23
CA THR A 30 -0.64 27.23 3.06
C THR A 30 0.39 26.69 4.06
N ASP A 31 1.13 27.59 4.69
CA ASP A 31 2.25 27.28 5.62
C ASP A 31 1.74 26.41 6.77
N MET A 32 2.56 25.47 7.20
CA MET A 32 2.22 24.42 8.20
C MET A 32 3.19 24.52 9.40
N ASN A 33 3.94 25.61 9.53
CA ASN A 33 4.94 25.86 10.61
C ASN A 33 5.81 24.62 10.80
N HIS A 34 6.31 24.04 9.71
CA HIS A 34 7.22 22.87 9.71
C HIS A 34 6.48 21.59 10.14
N GLN A 35 5.14 21.58 10.24
CA GLN A 35 4.33 20.34 10.49
C GLN A 35 4.17 19.58 9.16
N LEU A 36 3.83 18.30 9.22
CA LEU A 36 3.68 17.42 8.04
C LEU A 36 2.20 17.14 7.77
N PHE A 37 1.31 17.60 8.66
CA PHE A 37 -0.15 17.36 8.54
C PHE A 37 -0.94 18.58 9.04
N CYS A 38 -1.82 19.11 8.19
CA CYS A 38 -2.82 20.14 8.59
C CYS A 38 -4.10 19.96 7.77
N MET A 39 -5.26 20.11 8.41
CA MET A 39 -6.58 20.31 7.75
C MET A 39 -6.89 21.80 7.77
N VAL A 40 -7.10 22.43 6.61
CA VAL A 40 -7.24 23.92 6.49
C VAL A 40 -8.65 24.21 5.96
N GLN A 41 -9.50 24.81 6.79
CA GLN A 41 -10.86 25.20 6.37
C GLN A 41 -10.76 26.24 5.25
N LEU A 42 -11.47 26.02 4.14
CA LEU A 42 -11.53 27.01 3.02
C LEU A 42 -12.50 28.14 3.39
N GLU A 43 -12.21 29.35 2.92
CA GLU A 43 -13.13 30.51 3.05
C GLU A 43 -14.21 30.42 1.97
N PRO A 44 -15.51 30.37 2.34
CA PRO A 44 -16.59 30.42 1.34
C PRO A 44 -16.46 31.65 0.42
N GLY A 45 -16.65 31.47 -0.88
CA GLY A 45 -16.70 32.58 -1.85
C GLY A 45 -15.36 32.79 -2.54
N GLN A 46 -14.25 32.29 -2.00
CA GLN A 46 -12.95 32.33 -2.73
C GLN A 46 -12.94 31.18 -3.74
N SER A 47 -12.06 31.33 -4.74
CA SER A 47 -11.97 30.52 -5.98
C SER A 47 -11.82 29.03 -5.65
N GLU A 48 -10.93 28.66 -4.72
CA GLU A 48 -10.69 27.24 -4.35
C GLU A 48 -11.97 26.61 -3.81
N TYR A 49 -12.60 27.25 -2.81
CA TYR A 49 -13.88 26.78 -2.21
C TYR A 49 -14.93 26.68 -3.33
N ASN A 50 -14.99 27.69 -4.20
CA ASN A 50 -16.04 27.77 -5.26
C ASN A 50 -15.89 26.59 -6.23
N THR A 51 -14.66 26.31 -6.68
CA THR A 51 -14.32 25.18 -7.58
C THR A 51 -14.79 23.84 -6.99
N ILE A 52 -14.42 23.56 -5.74
CA ILE A 52 -14.75 22.26 -5.08
C ILE A 52 -16.27 22.20 -4.85
N LYS A 53 -16.89 23.28 -4.37
CA LYS A 53 -18.36 23.35 -4.15
C LYS A 53 -19.09 22.99 -5.45
N ASP A 54 -18.70 23.57 -6.58
CA ASP A 54 -19.35 23.35 -7.90
C ASP A 54 -19.24 21.87 -8.31
N LYS A 55 -18.12 21.20 -8.01
CA LYS A 55 -17.96 19.76 -8.38
C LYS A 55 -19.02 18.95 -7.63
N PHE A 56 -19.27 19.29 -6.38
CA PHE A 56 -20.27 18.63 -5.50
C PHE A 56 -21.68 18.97 -5.95
N THR A 57 -21.98 20.26 -6.15
CA THR A 57 -23.37 20.74 -6.43
C THR A 57 -23.83 20.27 -7.81
N ARG A 58 -22.93 19.87 -8.71
CA ARG A 58 -23.36 19.26 -10.01
C ARG A 58 -24.43 18.21 -9.74
N THR A 59 -24.35 17.41 -8.67
CA THR A 59 -25.31 16.30 -8.42
C THR A 59 -25.90 16.36 -7.00
N CYS A 60 -25.40 17.25 -6.13
CA CYS A 60 -25.77 17.30 -4.69
C CYS A 60 -26.22 18.73 -4.32
N SER A 61 -26.89 19.45 -5.23
CA SER A 61 -27.33 20.87 -4.97
C SER A 61 -28.40 20.93 -3.88
N SER A 62 -29.07 19.82 -3.55
CA SER A 62 -30.12 19.81 -2.48
C SER A 62 -29.51 19.65 -1.08
N TYR A 63 -28.20 19.38 -0.97
CA TYR A 63 -27.50 19.22 0.33
C TYR A 63 -26.97 20.59 0.77
N ALA A 64 -26.79 20.81 2.07
CA ALA A 64 -26.19 22.06 2.61
C ALA A 64 -24.74 21.76 3.00
N ILE A 65 -23.79 22.52 2.44
CA ILE A 65 -22.34 22.45 2.78
C ILE A 65 -22.09 23.24 4.07
N GLU A 66 -21.66 22.54 5.12
CA GLU A 66 -21.27 23.17 6.40
C GLU A 66 -19.83 23.69 6.26
N LYS A 67 -18.91 22.90 5.69
CA LYS A 67 -17.54 23.39 5.44
C LYS A 67 -16.79 22.47 4.49
N ILE A 68 -15.75 23.02 3.89
CA ILE A 68 -14.77 22.30 3.04
C ILE A 68 -13.38 22.57 3.62
N GLU A 69 -12.60 21.50 3.81
CA GLU A 69 -11.21 21.56 4.33
C GLU A 69 -10.26 20.98 3.29
N ARG A 70 -9.15 21.67 3.03
CA ARG A 70 -7.99 21.19 2.24
C ARG A 70 -7.16 20.27 3.14
N ILE A 71 -6.89 19.06 2.66
CA ILE A 71 -6.07 18.06 3.40
C ILE A 71 -4.62 18.25 2.98
N GLN A 72 -3.78 18.67 3.92
CA GLN A 72 -2.34 18.89 3.65
C GLN A 72 -1.61 17.78 4.40
N ASN A 73 -1.37 16.65 3.74
CA ASN A 73 -0.72 15.47 4.35
C ASN A 73 0.56 15.22 3.53
N ALA A 74 1.70 15.72 4.03
CA ALA A 74 2.98 15.69 3.28
C ALA A 74 3.35 14.25 2.90
N PHE A 75 3.20 13.29 3.81
CA PHE A 75 3.64 11.90 3.55
C PHE A 75 2.75 11.25 2.49
N LEU A 76 1.43 11.35 2.63
CA LEU A 76 0.48 10.75 1.65
C LEU A 76 0.74 11.40 0.29
N TRP A 77 0.95 12.71 0.29
CA TRP A 77 1.23 13.43 -0.98
C TRP A 77 2.49 12.88 -1.65
N GLN A 78 3.59 12.75 -0.89
CA GLN A 78 4.91 12.25 -1.37
CA GLN A 78 4.89 12.28 -1.44
C GLN A 78 4.71 10.88 -2.03
N SER A 79 4.10 9.94 -1.30
CA SER A 79 3.91 8.54 -1.78
C SER A 79 3.04 8.53 -3.03
N TYR A 80 1.98 9.36 -3.05
CA TYR A 80 1.06 9.48 -4.21
C TYR A 80 1.81 10.02 -5.44
N GLN A 81 2.63 11.06 -5.25
CA GLN A 81 3.34 11.71 -6.37
C GLN A 81 4.37 10.74 -6.91
N VAL A 82 5.01 9.92 -6.06
CA VAL A 82 5.92 8.85 -6.53
C VAL A 82 5.15 7.89 -7.44
N LYS A 83 4.00 7.42 -6.99
CA LYS A 83 3.18 6.46 -7.77
CA LYS A 83 3.18 6.46 -7.77
C LYS A 83 2.72 7.12 -9.07
N LYS A 84 2.41 8.42 -9.03
CA LYS A 84 1.96 9.16 -10.23
C LYS A 84 3.08 9.17 -11.28
N ARG A 85 4.31 9.53 -10.88
CA ARG A 85 5.48 9.57 -11.81
C ARG A 85 5.70 8.17 -12.40
N GLN A 86 5.64 7.12 -11.57
CA GLN A 86 5.80 5.71 -12.02
C GLN A 86 4.75 5.33 -13.06
N MET A 87 3.50 5.74 -12.87
CA MET A 87 2.38 5.39 -13.79
C MET A 87 2.52 6.22 -15.07
N ASP A 88 2.99 7.47 -14.98
CA ASP A 88 3.27 8.32 -16.17
C ASP A 88 4.36 7.64 -17.01
N ILE A 89 5.42 7.09 -16.40
CA ILE A 89 6.51 6.36 -17.12
C ILE A 89 5.96 5.05 -17.70
N LYS A 90 5.25 4.24 -16.90
CA LYS A 90 4.76 2.90 -17.27
C LYS A 90 3.79 3.00 -18.46
N ASN A 91 2.88 3.97 -18.43
CA ASN A 91 1.77 4.07 -19.42
C ASN A 91 2.25 4.88 -20.62
N ASP A 92 3.35 5.60 -20.46
CA ASP A 92 4.07 6.31 -21.56
C ASP A 92 3.21 7.49 -22.04
N HIS A 93 2.27 7.93 -21.21
CA HIS A 93 1.49 9.19 -21.38
C HIS A 93 1.09 9.66 -19.98
N LYS A 94 0.57 10.89 -19.88
CA LYS A 94 -0.07 11.46 -18.67
C LYS A 94 -1.55 11.04 -18.70
N ASN A 95 -2.44 11.82 -18.07
CA ASN A 95 -3.90 11.58 -18.02
C ASN A 95 -4.19 10.27 -17.28
N ASN A 96 -3.39 9.96 -16.25
CA ASN A 96 -3.59 8.79 -15.35
C ASN A 96 -4.42 9.19 -14.13
N GLU A 97 -4.72 10.47 -13.98
CA GLU A 97 -5.36 11.06 -12.78
C GLU A 97 -6.80 11.52 -13.10
N ARG A 98 -7.74 11.28 -12.18
CA ARG A 98 -9.14 11.72 -12.17
C ARG A 98 -9.50 12.26 -10.78
N LEU A 99 -10.45 13.19 -10.71
CA LEU A 99 -10.98 13.71 -9.43
C LEU A 99 -12.26 12.95 -9.10
N LEU A 100 -12.29 12.22 -8.00
CA LEU A 100 -13.46 11.39 -7.65
C LEU A 100 -13.86 11.68 -6.22
N PHE A 101 -14.97 11.09 -5.79
CA PHE A 101 -15.62 11.30 -4.49
C PHE A 101 -15.56 10.01 -3.70
N HIS A 102 -15.45 10.13 -2.38
CA HIS A 102 -15.54 8.97 -1.46
C HIS A 102 -16.31 9.39 -0.21
N GLY A 103 -17.50 8.84 -0.01
CA GLY A 103 -18.30 9.03 1.22
C GLY A 103 -17.75 8.11 2.30
N THR A 104 -17.61 8.59 3.53
CA THR A 104 -17.13 7.77 4.68
CA THR A 104 -17.19 7.73 4.65
C THR A 104 -17.95 8.14 5.92
N ASP A 105 -18.02 7.22 6.90
CA ASP A 105 -18.64 7.52 8.22
C ASP A 105 -17.67 8.41 9.00
N ALA A 106 -18.20 9.15 9.97
CA ALA A 106 -17.44 10.13 10.78
C ALA A 106 -16.27 9.42 11.47
N ASP A 107 -16.47 8.17 11.92
CA ASP A 107 -15.47 7.42 12.71
C ASP A 107 -14.19 7.19 11.90
N SER A 108 -14.29 7.06 10.57
CA SER A 108 -13.15 6.75 9.65
C SER A 108 -12.42 8.02 9.21
N VAL A 109 -12.95 9.21 9.48
CA VAL A 109 -12.43 10.47 8.89
C VAL A 109 -11.01 10.74 9.38
N PRO A 110 -10.72 10.67 10.70
CA PRO A 110 -9.36 10.90 11.20
C PRO A 110 -8.36 9.92 10.55
N TYR A 111 -8.72 8.64 10.47
CA TYR A 111 -7.86 7.62 9.80
C TYR A 111 -7.58 8.05 8.36
N VAL A 112 -8.60 8.35 7.56
CA VAL A 112 -8.40 8.73 6.13
C VAL A 112 -7.56 10.01 6.03
N ASN A 113 -7.80 11.03 6.86
CA ASN A 113 -7.03 12.31 6.81
C ASN A 113 -5.53 12.02 6.98
N GLN A 114 -5.18 11.06 7.85
CA GLN A 114 -3.77 10.79 8.23
C GLN A 114 -3.17 9.67 7.39
N HIS A 115 -3.93 8.63 7.07
CA HIS A 115 -3.37 7.39 6.46
C HIS A 115 -3.95 7.12 5.07
N GLY A 116 -4.95 7.87 4.61
CA GLY A 116 -5.53 7.67 3.26
C GLY A 116 -6.45 6.47 3.23
N PHE A 117 -6.60 5.84 2.07
CA PHE A 117 -7.66 4.85 1.81
C PHE A 117 -7.06 3.44 1.85
N ASN A 118 -7.61 2.59 2.69
CA ASN A 118 -7.08 1.24 3.01
C ASN A 118 -8.12 0.21 2.60
N ARG A 119 -7.81 -0.58 1.58
CA ARG A 119 -8.71 -1.66 1.09
C ARG A 119 -9.02 -2.66 2.20
N SER A 120 -8.15 -2.81 3.21
CA SER A 120 -8.32 -3.78 4.32
C SER A 120 -9.43 -3.33 5.29
N CYS A 121 -9.79 -2.05 5.28
CA CYS A 121 -10.79 -1.41 6.19
C CYS A 121 -12.19 -1.47 5.58
N ALA A 122 -12.31 -1.76 4.28
CA ALA A 122 -13.56 -1.65 3.51
C ALA A 122 -14.51 -2.78 3.91
N GLY A 123 -15.76 -2.45 4.29
CA GLY A 123 -16.78 -3.41 4.74
C GLY A 123 -17.52 -4.07 3.58
N LYS A 124 -18.78 -4.45 3.80
CA LYS A 124 -19.62 -5.19 2.82
C LYS A 124 -20.18 -4.23 1.76
N ASN A 125 -20.08 -2.92 1.98
CA ASN A 125 -20.54 -1.86 1.04
C ASN A 125 -19.54 -1.72 -0.13
N ALA A 126 -18.26 -2.04 0.10
CA ALA A 126 -17.16 -1.95 -0.90
C ALA A 126 -16.98 -3.33 -1.56
N VAL A 127 -18.00 -3.78 -2.29
CA VAL A 127 -18.07 -5.13 -2.93
C VAL A 127 -18.66 -4.97 -4.34
N SER A 128 -18.34 -5.91 -5.25
CA SER A 128 -19.04 -6.16 -6.53
C SER A 128 -18.06 -6.08 -7.69
N TYR A 129 -17.10 -5.14 -7.66
CA TYR A 129 -16.13 -4.96 -8.75
C TYR A 129 -14.71 -5.21 -8.24
N GLY A 130 -14.58 -5.70 -7.00
CA GLY A 130 -13.29 -6.17 -6.47
C GLY A 130 -13.04 -5.66 -5.07
N LYS A 131 -12.07 -6.25 -4.40
CA LYS A 131 -11.72 -5.94 -2.98
C LYS A 131 -10.66 -4.84 -2.98
N GLY A 132 -11.10 -3.63 -3.33
CA GLY A 132 -10.28 -2.41 -3.32
C GLY A 132 -11.05 -1.26 -2.68
N THR A 133 -10.56 -0.04 -2.85
CA THR A 133 -11.26 1.16 -2.35
C THR A 133 -12.08 1.73 -3.52
N TYR A 134 -13.34 2.08 -3.25
CA TYR A 134 -14.32 2.54 -4.27
C TYR A 134 -14.35 4.07 -4.26
N PHE A 135 -14.36 4.64 -5.46
CA PHE A 135 -14.46 6.09 -5.74
C PHE A 135 -15.56 6.32 -6.79
N ALA A 136 -16.41 7.30 -6.55
CA ALA A 136 -17.58 7.61 -7.40
C ALA A 136 -17.26 8.79 -8.31
N VAL A 137 -17.76 8.75 -9.54
CA VAL A 137 -17.68 9.90 -10.48
C VAL A 137 -18.59 11.02 -9.96
N ASP A 138 -19.78 10.67 -9.48
CA ASP A 138 -20.82 11.65 -9.04
C ASP A 138 -20.89 11.68 -7.52
N ALA A 139 -20.93 12.89 -6.96
CA ALA A 139 -21.06 13.14 -5.51
C ALA A 139 -22.36 12.49 -5.01
N SER A 140 -23.42 12.54 -5.83
CA SER A 140 -24.72 11.90 -5.52
C SER A 140 -24.53 10.44 -5.08
N TYR A 141 -23.65 9.68 -5.72
CA TYR A 141 -23.45 8.25 -5.38
C TYR A 141 -22.84 8.15 -3.97
N SER A 142 -21.78 8.90 -3.74
CA SER A 142 -21.06 8.97 -2.43
C SER A 142 -21.96 9.56 -1.33
N ALA A 143 -22.97 10.37 -1.67
CA ALA A 143 -23.87 11.06 -0.71
C ALA A 143 -24.90 10.10 -0.09
N LYS A 144 -25.04 8.88 -0.62
CA LYS A 144 -25.92 7.83 -0.05
C LYS A 144 -25.54 7.58 1.40
N ASP A 145 -26.54 7.39 2.26
CA ASP A 145 -26.38 7.21 3.73
C ASP A 145 -25.55 5.95 4.01
N THR A 146 -25.59 4.93 3.16
CA THR A 146 -24.79 3.68 3.34
C THR A 146 -23.27 4.00 3.27
N TYR A 147 -22.86 5.06 2.56
CA TYR A 147 -21.42 5.46 2.38
C TYR A 147 -21.08 6.63 3.29
N SER A 148 -21.72 7.79 3.09
CA SER A 148 -21.51 8.98 3.95
C SER A 148 -22.52 8.96 5.10
N LYS A 149 -22.39 8.02 6.04
CA LYS A 149 -23.40 7.77 7.12
C LYS A 149 -23.54 9.02 7.98
N PRO A 150 -24.75 9.56 8.18
CA PRO A 150 -24.94 10.74 9.01
C PRO A 150 -24.49 10.41 10.44
N ASP A 151 -23.68 11.27 11.07
CA ASP A 151 -23.25 11.07 12.48
C ASP A 151 -24.45 11.38 13.39
N SER A 152 -24.27 11.19 14.71
CA SER A 152 -25.28 11.48 15.76
C SER A 152 -25.89 12.87 15.55
N ASN A 153 -25.14 13.83 14.99
CA ASN A 153 -25.58 15.24 14.78
C ASN A 153 -26.14 15.44 13.36
N GLY A 154 -26.18 14.42 12.51
CA GLY A 154 -26.74 14.52 11.14
C GLY A 154 -25.71 14.93 10.09
N ARG A 155 -24.44 15.09 10.46
CA ARG A 155 -23.40 15.56 9.52
C ARG A 155 -22.90 14.37 8.69
N LYS A 156 -22.77 14.59 7.37
CA LYS A 156 -22.22 13.61 6.40
C LYS A 156 -20.85 14.11 5.92
N HIS A 157 -20.00 13.16 5.50
CA HIS A 157 -18.58 13.40 5.18
C HIS A 157 -18.25 12.75 3.84
N MET A 158 -17.69 13.53 2.94
CA MET A 158 -17.31 13.08 1.59
C MET A 158 -15.96 13.71 1.25
N TYR A 159 -15.05 12.89 0.76
CA TYR A 159 -13.75 13.35 0.22
C TYR A 159 -13.86 13.58 -1.26
N VAL A 160 -13.14 14.60 -1.69
CA VAL A 160 -12.71 14.82 -3.10
C VAL A 160 -11.29 14.28 -3.16
N VAL A 161 -11.04 13.37 -4.11
CA VAL A 161 -9.86 12.48 -4.11
C VAL A 161 -9.21 12.55 -5.48
N ARG A 162 -7.89 12.77 -5.50
CA ARG A 162 -7.06 12.56 -6.69
C ARG A 162 -6.79 11.06 -6.78
N VAL A 163 -7.27 10.41 -7.84
CA VAL A 163 -7.14 8.94 -8.00
C VAL A 163 -6.36 8.65 -9.27
N LEU A 164 -5.35 7.80 -9.17
CA LEU A 164 -4.59 7.31 -10.36
C LEU A 164 -5.35 6.16 -10.99
N THR A 165 -6.33 6.47 -11.83
CA THR A 165 -7.19 5.46 -12.49
C THR A 165 -6.39 4.81 -13.62
N GLY A 166 -5.44 5.55 -14.20
CA GLY A 166 -4.56 5.07 -15.29
C GLY A 166 -5.37 4.39 -16.39
N VAL A 167 -4.91 3.23 -16.86
CA VAL A 167 -5.60 2.37 -17.86
C VAL A 167 -6.51 1.40 -17.10
N PHE A 168 -7.81 1.41 -17.39
CA PHE A 168 -8.80 0.63 -16.60
C PHE A 168 -9.58 -0.33 -17.51
N THR A 169 -10.26 -1.28 -16.89
CA THR A 169 -11.07 -2.33 -17.53
C THR A 169 -12.26 -2.61 -16.61
N LYS A 170 -13.23 -3.40 -17.08
CA LYS A 170 -14.41 -3.77 -16.27
C LYS A 170 -13.98 -4.66 -15.12
N GLY A 171 -14.49 -4.42 -13.93
CA GLY A 171 -14.18 -5.21 -12.73
C GLY A 171 -15.16 -6.33 -12.59
N ARG A 172 -14.98 -7.16 -11.56
CA ARG A 172 -15.91 -8.28 -11.22
C ARG A 172 -15.66 -8.62 -9.75
N ALA A 173 -16.63 -9.28 -9.11
CA ALA A 173 -16.57 -9.60 -7.68
C ALA A 173 -15.36 -10.50 -7.44
N GLY A 174 -14.64 -10.29 -6.34
CA GLY A 174 -13.57 -11.20 -5.90
C GLY A 174 -12.17 -10.78 -6.34
N LEU A 175 -12.01 -9.88 -7.32
CA LEU A 175 -10.65 -9.39 -7.71
C LEU A 175 -9.87 -8.93 -6.48
N VAL A 176 -8.60 -9.30 -6.34
CA VAL A 176 -7.72 -8.73 -5.27
C VAL A 176 -6.77 -7.71 -5.88
N THR A 177 -6.49 -7.81 -7.17
CA THR A 177 -5.74 -6.80 -7.97
C THR A 177 -6.48 -6.61 -9.29
N PRO A 178 -6.17 -5.56 -10.06
CA PRO A 178 -6.76 -5.43 -11.39
C PRO A 178 -6.30 -6.63 -12.22
N PRO A 179 -7.03 -6.98 -13.29
CA PRO A 179 -6.57 -7.99 -14.24
C PRO A 179 -5.30 -7.60 -14.98
N PRO A 180 -4.57 -8.57 -15.56
CA PRO A 180 -3.50 -8.25 -16.52
C PRO A 180 -4.03 -7.62 -17.82
N LYS A 181 -3.22 -6.74 -18.45
CA LYS A 181 -3.52 -6.08 -19.75
C LYS A 181 -3.23 -7.05 -20.91
N ASN A 182 -3.12 -8.35 -20.63
CA ASN A 182 -2.82 -9.44 -21.60
C ASN A 182 -2.46 -10.68 -20.78
N PRO A 183 -3.31 -11.73 -20.79
CA PRO A 183 -3.05 -12.95 -20.02
C PRO A 183 -1.75 -13.69 -20.42
N HIS A 184 -1.03 -13.19 -21.42
CA HIS A 184 0.30 -13.69 -21.87
C HIS A 184 1.44 -12.97 -21.13
N ASN A 185 1.17 -11.84 -20.45
CA ASN A 185 2.09 -11.18 -19.48
C ASN A 185 1.32 -10.94 -18.17
N PRO A 186 1.11 -11.99 -17.36
CA PRO A 186 0.18 -11.89 -16.23
C PRO A 186 0.49 -10.82 -15.17
N THR A 187 1.68 -10.18 -15.20
CA THR A 187 2.11 -9.21 -14.15
C THR A 187 2.04 -7.77 -14.64
N ASP A 188 1.86 -7.52 -15.94
CA ASP A 188 1.58 -6.16 -16.45
C ASP A 188 0.08 -5.87 -16.29
N LEU A 189 -0.32 -5.16 -15.23
CA LEU A 189 -1.74 -5.04 -14.79
C LEU A 189 -2.39 -3.76 -15.31
N PHE A 190 -3.71 -3.78 -15.45
CA PHE A 190 -4.53 -2.54 -15.49
C PHE A 190 -4.28 -1.76 -14.19
N ASP A 191 -4.50 -0.45 -14.19
CA ASP A 191 -4.24 0.40 -12.99
C ASP A 191 -5.45 0.39 -12.06
N SER A 192 -6.63 0.18 -12.62
CA SER A 192 -7.91 0.22 -11.88
C SER A 192 -8.99 -0.52 -12.66
N VAL A 193 -10.13 -0.75 -12.02
CA VAL A 193 -11.31 -1.36 -12.68
C VAL A 193 -12.52 -0.44 -12.48
N THR A 194 -13.53 -0.62 -13.32
CA THR A 194 -14.74 0.22 -13.31
C THR A 194 -15.95 -0.70 -13.48
N ASN A 195 -17.15 -0.16 -13.25
CA ASN A 195 -18.42 -0.84 -13.55
C ASN A 195 -18.66 -0.89 -15.07
N ASN A 196 -18.11 0.07 -15.82
CA ASN A 196 -18.46 0.32 -17.26
C ASN A 196 -17.35 1.15 -17.89
N THR A 197 -16.64 0.60 -18.88
CA THR A 197 -15.40 1.18 -19.48
C THR A 197 -15.76 2.35 -20.39
N ARG A 198 -16.91 2.29 -21.05
CA ARG A 198 -17.36 3.36 -21.98
C ARG A 198 -17.94 4.52 -21.16
N SER A 199 -18.67 4.25 -20.07
CA SER A 199 -19.34 5.31 -19.30
C SER A 199 -19.20 5.05 -17.81
N PRO A 200 -17.98 5.21 -17.26
CA PRO A 200 -17.68 4.80 -15.90
C PRO A 200 -18.38 5.70 -14.87
N LYS A 201 -18.97 5.10 -13.84
CA LYS A 201 -19.52 5.86 -12.69
C LYS A 201 -18.77 5.48 -11.41
N LEU A 202 -17.97 4.42 -11.44
CA LEU A 202 -17.09 4.16 -10.27
C LEU A 202 -15.79 3.50 -10.72
N PHE A 203 -14.78 3.66 -9.86
CA PHE A 203 -13.42 3.11 -10.00
C PHE A 203 -13.02 2.47 -8.68
N VAL A 204 -12.29 1.37 -8.81
CA VAL A 204 -11.74 0.60 -7.68
C VAL A 204 -10.24 0.57 -7.87
N VAL A 205 -9.47 0.98 -6.86
CA VAL A 205 -8.00 0.78 -6.89
C VAL A 205 -7.64 -0.16 -5.74
N PHE A 206 -6.54 -0.88 -5.92
CA PHE A 206 -6.20 -2.10 -5.14
C PHE A 206 -4.88 -1.90 -4.40
N PHE A 207 -4.28 -0.71 -4.49
CA PHE A 207 -2.94 -0.42 -3.90
C PHE A 207 -3.00 0.88 -3.09
N ASP A 208 -2.21 0.90 -2.01
CA ASP A 208 -2.08 2.09 -1.15
C ASP A 208 -1.46 3.19 -2.02
N ASN A 209 -1.73 4.44 -1.71
CA ASN A 209 -0.98 5.56 -2.35
C ASN A 209 -1.35 5.66 -3.83
N GLN A 210 -2.50 5.09 -4.24
CA GLN A 210 -3.09 5.35 -5.57
C GLN A 210 -4.19 6.40 -5.48
N ALA A 211 -4.49 6.90 -4.29
CA ALA A 211 -5.57 7.88 -4.04
C ALA A 211 -5.09 8.88 -3.01
N TYR A 212 -5.16 10.18 -3.32
CA TYR A 212 -4.81 11.24 -2.36
C TYR A 212 -6.08 12.00 -1.97
N PRO A 213 -6.48 11.98 -0.69
CA PRO A 213 -7.65 12.71 -0.23
C PRO A 213 -7.32 14.21 -0.19
N GLU A 214 -7.93 15.01 -1.08
CA GLU A 214 -7.52 16.41 -1.28
C GLU A 214 -8.42 17.37 -0.49
N TYR A 215 -9.73 17.13 -0.46
CA TYR A 215 -10.71 17.97 0.30
C TYR A 215 -11.66 17.06 1.06
N LEU A 216 -12.12 17.55 2.23
CA LEU A 216 -13.19 16.89 3.00
C LEU A 216 -14.38 17.86 3.03
N ILE A 217 -15.53 17.42 2.53
CA ILE A 217 -16.80 18.20 2.54
C ILE A 217 -17.62 17.66 3.69
N THR A 218 -17.98 18.53 4.61
CA THR A 218 -18.96 18.23 5.69
C THR A 218 -20.28 18.87 5.27
N PHE A 219 -21.36 18.10 5.26
CA PHE A 219 -22.64 18.52 4.66
C PHE A 219 -23.79 17.79 5.34
N THR A 220 -25.01 18.26 5.06
CA THR A 220 -26.28 17.73 5.63
C THR A 220 -27.31 17.64 4.52
N ALA A 221 -28.30 16.76 4.71
CA ALA A 221 -29.41 16.49 3.76
C ALA A 221 -30.40 17.65 3.79
N ASN B 24 17.63 7.44 -7.49
CA ASN B 24 18.17 7.08 -6.14
C ASN B 24 18.71 5.63 -6.14
N LEU B 25 18.98 5.03 -7.31
CA LEU B 25 19.29 3.58 -7.42
C LEU B 25 20.68 3.32 -6.85
N PRO B 26 20.89 2.27 -6.02
CA PRO B 26 22.19 2.04 -5.40
C PRO B 26 23.30 1.85 -6.44
N GLU B 27 24.50 2.38 -6.16
CA GLU B 27 25.61 2.44 -7.15
C GLU B 27 26.26 1.07 -7.34
N HIS B 28 25.96 0.07 -6.52
CA HIS B 28 26.46 -1.33 -6.69
C HIS B 28 25.53 -2.15 -7.59
N TRP B 29 24.31 -1.71 -7.86
CA TRP B 29 23.42 -2.43 -8.82
C TRP B 29 24.11 -2.48 -10.18
N THR B 30 23.86 -3.53 -10.96
CA THR B 30 24.34 -3.62 -12.37
C THR B 30 23.57 -2.59 -13.21
N ASP B 31 24.22 -2.03 -14.23
CA ASP B 31 23.56 -1.13 -15.21
C ASP B 31 22.38 -1.90 -15.79
N MET B 32 21.19 -1.30 -15.81
CA MET B 32 19.97 -1.99 -16.32
C MET B 32 19.55 -1.44 -17.68
N ASN B 33 20.27 -0.44 -18.20
CA ASN B 33 20.10 0.04 -19.61
C ASN B 33 18.69 0.61 -19.78
N HIS B 34 18.33 1.57 -18.93
CA HIS B 34 17.03 2.29 -19.00
C HIS B 34 15.86 1.33 -18.76
N GLN B 35 16.13 0.06 -18.43
CA GLN B 35 15.11 -0.91 -17.94
C GLN B 35 14.86 -0.66 -16.45
N LEU B 36 13.73 -1.14 -15.94
CA LEU B 36 13.20 -0.84 -14.58
C LEU B 36 13.37 -2.05 -13.66
N PHE B 37 13.59 -3.23 -14.22
CA PHE B 37 13.62 -4.51 -13.48
C PHE B 37 14.73 -5.42 -14.03
N CYS B 38 15.49 -6.04 -13.14
CA CYS B 38 16.52 -7.07 -13.47
C CYS B 38 16.70 -8.01 -12.26
N MET B 39 16.82 -9.32 -12.50
CA MET B 39 17.30 -10.29 -11.48
C MET B 39 18.79 -10.52 -11.76
N VAL B 40 19.66 -10.34 -10.77
CA VAL B 40 21.13 -10.51 -10.97
C VAL B 40 21.59 -11.71 -10.15
N GLN B 41 22.13 -12.72 -10.83
CA GLN B 41 22.71 -13.93 -10.21
C GLN B 41 24.00 -13.57 -9.48
N LEU B 42 24.10 -13.88 -8.18
CA LEU B 42 25.32 -13.63 -7.39
C LEU B 42 26.31 -14.80 -7.55
N GLU B 43 27.59 -14.52 -7.30
CA GLU B 43 28.73 -15.47 -7.39
C GLU B 43 29.18 -15.87 -6.00
N PRO B 44 29.18 -17.18 -5.66
CA PRO B 44 29.78 -17.65 -4.41
C PRO B 44 31.21 -17.09 -4.29
N GLY B 45 31.70 -16.89 -3.07
CA GLY B 45 33.04 -16.28 -2.86
C GLY B 45 32.97 -14.77 -2.73
N GLN B 46 31.96 -14.11 -3.31
CA GLN B 46 31.71 -12.66 -3.08
C GLN B 46 31.02 -12.51 -1.72
N SER B 47 31.39 -11.45 -0.98
CA SER B 47 30.85 -11.13 0.36
C SER B 47 29.31 -11.09 0.29
N GLU B 48 28.76 -10.52 -0.78
CA GLU B 48 27.30 -10.35 -0.93
C GLU B 48 26.60 -11.73 -0.87
N TYR B 49 27.00 -12.67 -1.70
CA TYR B 49 26.47 -14.07 -1.70
C TYR B 49 26.74 -14.72 -0.34
N ASN B 50 27.97 -14.60 0.17
CA ASN B 50 28.41 -15.40 1.35
C ASN B 50 27.63 -14.94 2.59
N THR B 51 27.39 -13.64 2.72
CA THR B 51 26.71 -13.13 3.93
C THR B 51 25.26 -13.63 3.89
N ILE B 52 24.62 -13.65 2.73
CA ILE B 52 23.23 -14.20 2.65
C ILE B 52 23.28 -15.71 2.95
N LYS B 53 24.23 -16.43 2.35
CA LYS B 53 24.36 -17.89 2.62
C LYS B 53 24.53 -18.14 4.12
N ASP B 54 25.34 -17.35 4.81
CA ASP B 54 25.59 -17.54 6.26
C ASP B 54 24.29 -17.29 7.03
N LYS B 55 23.58 -16.22 6.70
CA LYS B 55 22.36 -15.83 7.46
C LYS B 55 21.32 -16.94 7.29
N PHE B 56 21.29 -17.56 6.12
CA PHE B 56 20.37 -18.68 5.82
C PHE B 56 20.79 -19.95 6.59
N THR B 57 22.07 -20.33 6.47
CA THR B 57 22.58 -21.64 6.99
C THR B 57 22.64 -21.58 8.53
N ARG B 58 22.61 -20.38 9.11
CA ARG B 58 22.52 -20.21 10.58
C ARG B 58 21.43 -21.16 11.13
N THR B 59 20.28 -21.30 10.46
CA THR B 59 19.13 -22.12 10.93
C THR B 59 18.70 -23.19 9.91
N CYS B 60 19.15 -23.12 8.65
CA CYS B 60 18.76 -24.08 7.57
C CYS B 60 19.99 -24.83 7.03
N SER B 61 20.82 -25.37 7.91
CA SER B 61 22.07 -26.05 7.54
C SER B 61 21.77 -27.36 6.77
N SER B 62 20.58 -27.93 6.92
CA SER B 62 20.18 -29.21 6.26
C SER B 62 19.79 -29.01 4.78
N TYR B 63 19.45 -27.79 4.36
CA TYR B 63 19.12 -27.45 2.94
C TYR B 63 20.39 -27.00 2.21
N ALA B 64 20.35 -26.94 0.89
CA ALA B 64 21.49 -26.53 0.05
C ALA B 64 21.00 -25.45 -0.92
N ILE B 65 21.76 -24.36 -1.06
CA ILE B 65 21.39 -23.24 -1.95
C ILE B 65 21.78 -23.60 -3.39
N GLU B 66 20.82 -23.48 -4.29
CA GLU B 66 21.05 -23.61 -5.74
C GLU B 66 21.65 -22.30 -6.25
N LYS B 67 21.00 -21.18 -5.96
CA LYS B 67 21.47 -19.84 -6.40
C LYS B 67 20.83 -18.74 -5.56
N ILE B 68 21.42 -17.54 -5.63
CA ILE B 68 20.92 -16.31 -4.98
C ILE B 68 20.90 -15.20 -6.03
N GLU B 69 19.74 -14.57 -6.21
CA GLU B 69 19.59 -13.48 -7.19
C GLU B 69 19.30 -12.21 -6.40
N ARG B 70 20.01 -11.13 -6.75
CA ARG B 70 19.70 -9.76 -6.30
C ARG B 70 18.53 -9.25 -7.15
N ILE B 71 17.48 -8.75 -6.49
CA ILE B 71 16.28 -8.19 -7.14
C ILE B 71 16.51 -6.69 -7.31
N GLN B 72 16.57 -6.22 -8.55
CA GLN B 72 16.73 -4.79 -8.90
C GLN B 72 15.40 -4.32 -9.50
N ASN B 73 14.52 -3.78 -8.66
CA ASN B 73 13.18 -3.30 -9.09
C ASN B 73 13.10 -1.80 -8.77
N ALA B 74 13.32 -0.93 -9.75
CA ALA B 74 13.47 0.53 -9.58
C ALA B 74 12.23 1.10 -8.86
N PHE B 75 11.02 0.75 -9.29
CA PHE B 75 9.76 1.31 -8.75
C PHE B 75 9.52 0.84 -7.30
N LEU B 76 9.66 -0.45 -7.02
CA LEU B 76 9.51 -0.95 -5.63
C LEU B 76 10.56 -0.27 -4.75
N TRP B 77 11.79 -0.16 -5.23
CA TRP B 77 12.88 0.44 -4.43
C TRP B 77 12.55 1.91 -4.10
N GLN B 78 12.10 2.69 -5.09
CA GLN B 78 11.73 4.13 -4.87
C GLN B 78 10.63 4.26 -3.80
N SER B 79 9.54 3.50 -3.94
CA SER B 79 8.37 3.58 -3.03
C SER B 79 8.80 3.14 -1.64
N TYR B 80 9.59 2.07 -1.55
CA TYR B 80 10.11 1.57 -0.26
C TYR B 80 10.99 2.65 0.38
N GLN B 81 11.93 3.24 -0.37
CA GLN B 81 12.88 4.23 0.20
C GLN B 81 12.12 5.47 0.68
N VAL B 82 11.02 5.85 0.03
CA VAL B 82 10.19 7.01 0.49
C VAL B 82 9.56 6.65 1.84
N LYS B 83 9.00 5.45 1.97
CA LYS B 83 8.37 4.99 3.24
C LYS B 83 9.45 4.92 4.32
N LYS B 84 10.66 4.51 3.95
CA LYS B 84 11.76 4.40 4.95
C LYS B 84 12.12 5.80 5.44
N ARG B 85 12.22 6.76 4.53
CA ARG B 85 12.58 8.17 4.86
C ARG B 85 11.52 8.72 5.82
N GLN B 86 10.25 8.44 5.55
CA GLN B 86 9.11 8.93 6.37
C GLN B 86 9.19 8.30 7.75
N MET B 87 9.47 7.01 7.83
CA MET B 87 9.50 6.34 9.16
C MET B 87 10.73 6.84 9.94
N ASP B 88 11.83 7.09 9.24
CA ASP B 88 13.07 7.65 9.84
C ASP B 88 12.78 9.06 10.39
N ILE B 89 12.00 9.89 9.69
CA ILE B 89 11.57 11.23 10.18
C ILE B 89 10.64 11.04 11.38
N LYS B 90 9.63 10.18 11.27
CA LYS B 90 8.58 10.04 12.32
C LYS B 90 9.19 9.46 13.60
N ASN B 91 10.02 8.42 13.51
CA ASN B 91 10.51 7.73 14.74
C ASN B 91 11.78 8.42 15.22
N ASP B 92 12.11 8.25 16.49
CA ASP B 92 13.17 9.02 17.17
C ASP B 92 14.48 8.21 17.10
N HIS B 93 15.28 8.38 16.05
CA HIS B 93 16.57 7.66 15.83
C HIS B 93 16.40 6.15 16.07
N LYS B 94 15.33 5.54 15.56
CA LYS B 94 15.13 4.09 15.70
C LYS B 94 15.89 3.39 14.56
N ASN B 95 16.37 2.17 14.77
CA ASN B 95 16.66 1.25 13.64
C ASN B 95 15.33 0.73 13.15
N ASN B 96 14.82 1.32 12.07
CA ASN B 96 13.47 1.02 11.55
C ASN B 96 13.47 -0.21 10.66
N GLU B 97 14.64 -0.65 10.20
CA GLU B 97 14.70 -1.65 9.12
C GLU B 97 15.40 -2.92 9.61
N ARG B 98 14.81 -4.07 9.35
CA ARG B 98 15.41 -5.39 9.65
C ARG B 98 15.49 -6.16 8.34
N LEU B 99 16.45 -7.07 8.25
CA LEU B 99 16.58 -7.99 7.10
C LEU B 99 15.94 -9.31 7.50
N LEU B 100 14.86 -9.70 6.84
CA LEU B 100 14.01 -10.83 7.27
C LEU B 100 13.79 -11.77 6.07
N PHE B 101 13.20 -12.93 6.32
CA PHE B 101 12.94 -14.00 5.33
C PHE B 101 11.45 -14.12 5.08
N HIS B 102 11.13 -14.52 3.87
CA HIS B 102 9.75 -14.81 3.43
C HIS B 102 9.80 -15.97 2.44
N GLY B 103 9.27 -17.12 2.87
CA GLY B 103 9.09 -18.27 1.98
C GLY B 103 7.92 -18.02 1.06
N THR B 104 7.99 -18.45 -0.19
CA THR B 104 6.79 -18.42 -1.05
C THR B 104 6.82 -19.53 -2.09
N ASP B 105 5.67 -19.77 -2.71
CA ASP B 105 5.47 -20.79 -3.75
C ASP B 105 6.01 -20.19 -5.04
N ALA B 106 6.41 -21.04 -5.99
CA ALA B 106 6.88 -20.69 -7.36
C ALA B 106 5.86 -19.82 -8.07
N ASP B 107 4.56 -20.11 -7.93
CA ASP B 107 3.51 -19.38 -8.66
C ASP B 107 3.53 -17.88 -8.31
N SER B 108 3.99 -17.50 -7.10
CA SER B 108 3.93 -16.12 -6.56
C SER B 108 5.20 -15.32 -6.91
N VAL B 109 6.29 -15.98 -7.32
CA VAL B 109 7.63 -15.33 -7.47
C VAL B 109 7.57 -14.22 -8.54
N PRO B 110 6.98 -14.43 -9.73
CA PRO B 110 6.94 -13.36 -10.73
C PRO B 110 6.18 -12.12 -10.22
N TYR B 111 5.10 -12.31 -9.47
CA TYR B 111 4.28 -11.19 -8.92
C TYR B 111 5.11 -10.42 -7.89
N VAL B 112 5.76 -11.12 -6.97
CA VAL B 112 6.52 -10.48 -5.85
C VAL B 112 7.72 -9.74 -6.43
N ASN B 113 8.42 -10.36 -7.39
CA ASN B 113 9.59 -9.75 -8.07
C ASN B 113 9.19 -8.39 -8.63
N GLN B 114 8.04 -8.31 -9.29
CA GLN B 114 7.55 -7.11 -10.02
C GLN B 114 6.79 -6.16 -9.09
N HIS B 115 5.95 -6.67 -8.18
CA HIS B 115 4.94 -5.84 -7.46
C HIS B 115 5.16 -5.86 -5.95
N GLY B 116 6.05 -6.72 -5.46
CA GLY B 116 6.27 -6.84 -4.00
C GLY B 116 5.19 -7.64 -3.29
N PHE B 117 5.11 -7.46 -1.98
CA PHE B 117 4.32 -8.29 -1.03
C PHE B 117 2.95 -7.63 -0.85
N ASN B 118 1.89 -8.37 -1.17
CA ASN B 118 0.49 -7.87 -1.15
C ASN B 118 -0.28 -8.59 -0.06
N ARG B 119 -0.71 -7.86 0.97
CA ARG B 119 -1.38 -8.44 2.17
C ARG B 119 -2.67 -9.13 1.74
N SER B 120 -3.30 -8.66 0.65
CA SER B 120 -4.57 -9.21 0.14
C SER B 120 -4.37 -10.65 -0.37
N CYS B 121 -3.14 -11.03 -0.72
CA CYS B 121 -2.75 -12.37 -1.23
C CYS B 121 -2.16 -13.25 -0.13
N ALA B 122 -1.92 -12.71 1.07
CA ALA B 122 -1.24 -13.41 2.20
C ALA B 122 -2.06 -14.63 2.66
N GLY B 123 -1.36 -15.72 2.99
CA GLY B 123 -1.95 -16.91 3.65
C GLY B 123 -2.21 -16.67 5.12
N LYS B 124 -3.12 -17.42 5.73
CA LYS B 124 -3.27 -17.43 7.21
C LYS B 124 -2.10 -18.25 7.76
N ASN B 125 -1.35 -17.66 8.69
CA ASN B 125 -0.15 -18.27 9.33
C ASN B 125 -0.66 -19.23 10.42
N ALA B 126 0.07 -20.30 10.72
CA ALA B 126 -0.34 -21.28 11.77
C ALA B 126 -0.63 -20.52 13.08
N VAL B 127 0.21 -19.56 13.45
CA VAL B 127 -0.09 -18.67 14.62
C VAL B 127 -0.29 -17.24 14.09
N SER B 128 -1.53 -16.75 14.10
CA SER B 128 -1.85 -15.42 13.49
C SER B 128 -1.69 -14.32 14.53
N TYR B 129 -0.95 -13.27 14.17
CA TYR B 129 -0.83 -12.01 14.93
C TYR B 129 -1.34 -10.84 14.11
N GLY B 130 -2.10 -11.14 13.05
CA GLY B 130 -2.90 -10.18 12.30
C GLY B 130 -2.96 -10.59 10.84
N LYS B 131 -3.82 -9.92 10.09
CA LYS B 131 -4.02 -10.13 8.64
C LYS B 131 -3.08 -9.19 7.89
N GLY B 132 -1.83 -9.60 7.75
CA GLY B 132 -0.88 -8.90 6.90
C GLY B 132 0.16 -9.85 6.33
N THR B 133 1.28 -9.29 5.90
CA THR B 133 2.38 -10.06 5.32
C THR B 133 3.36 -10.40 6.44
N TYR B 134 3.73 -11.69 6.54
CA TYR B 134 4.59 -12.29 7.59
C TYR B 134 6.03 -12.36 7.08
N PHE B 135 6.95 -11.99 7.97
CA PHE B 135 8.42 -12.07 7.73
C PHE B 135 9.07 -12.72 8.94
N ALA B 136 9.98 -13.66 8.68
CA ALA B 136 10.61 -14.49 9.73
C ALA B 136 12.01 -13.97 10.04
N VAL B 137 12.39 -14.01 11.30
CA VAL B 137 13.80 -13.73 11.70
C VAL B 137 14.67 -14.91 11.23
N ASP B 138 14.19 -16.13 11.37
CA ASP B 138 15.00 -17.36 11.08
C ASP B 138 14.56 -17.96 9.76
N ALA B 139 15.51 -18.21 8.86
CA ALA B 139 15.29 -18.93 7.59
C ALA B 139 14.55 -20.25 7.83
N SER B 140 14.81 -20.95 8.93
CA SER B 140 14.19 -22.26 9.24
C SER B 140 12.66 -22.16 9.23
N TYR B 141 12.12 -21.04 9.67
CA TYR B 141 10.65 -20.82 9.72
C TYR B 141 10.13 -20.72 8.27
N SER B 142 10.74 -19.83 7.49
CA SER B 142 10.40 -19.61 6.07
C SER B 142 10.63 -20.88 5.23
N ALA B 143 11.50 -21.78 5.68
CA ALA B 143 11.88 -23.00 4.92
C ALA B 143 10.82 -24.09 5.07
N LYS B 144 9.86 -23.96 5.98
CA LYS B 144 8.75 -24.94 6.14
C LYS B 144 8.01 -25.07 4.80
N ASP B 145 7.67 -26.29 4.39
CA ASP B 145 6.97 -26.57 3.12
C ASP B 145 5.68 -25.75 3.06
N THR B 146 5.06 -25.45 4.19
CA THR B 146 3.83 -24.63 4.21
C THR B 146 4.08 -23.25 3.60
N TYR B 147 5.29 -22.68 3.70
CA TYR B 147 5.59 -21.30 3.20
C TYR B 147 6.31 -21.37 1.85
N SER B 148 7.46 -22.03 1.84
CA SER B 148 8.30 -22.25 0.63
C SER B 148 7.93 -23.61 0.02
N LYS B 149 6.76 -23.69 -0.59
CA LYS B 149 6.21 -24.91 -1.19
C LYS B 149 7.19 -25.41 -2.26
N PRO B 150 7.63 -26.68 -2.21
CA PRO B 150 8.45 -27.24 -3.28
C PRO B 150 7.71 -27.18 -4.62
N ASP B 151 8.37 -26.66 -5.66
CA ASP B 151 7.82 -26.66 -7.04
C ASP B 151 7.93 -28.06 -7.62
N SER B 152 7.42 -28.24 -8.83
CA SER B 152 7.40 -29.55 -9.55
C SER B 152 8.81 -30.12 -9.70
N ASN B 153 9.89 -29.30 -9.59
CA ASN B 153 11.29 -29.80 -9.68
C ASN B 153 11.95 -29.90 -8.31
N GLY B 154 11.19 -29.72 -7.23
CA GLY B 154 11.72 -29.88 -5.87
C GLY B 154 12.47 -28.66 -5.37
N ARG B 155 12.33 -27.53 -6.07
CA ARG B 155 13.05 -26.28 -5.69
C ARG B 155 12.15 -25.50 -4.72
N LYS B 156 12.74 -24.99 -3.65
CA LYS B 156 12.03 -24.09 -2.70
C LYS B 156 12.56 -22.67 -2.91
N HIS B 157 11.73 -21.65 -2.62
CA HIS B 157 12.00 -20.22 -2.86
C HIS B 157 11.77 -19.44 -1.56
N MET B 158 12.76 -18.64 -1.20
CA MET B 158 12.73 -17.75 -0.02
C MET B 158 13.29 -16.39 -0.43
N TYR B 159 12.60 -15.31 -0.08
CA TYR B 159 13.12 -13.94 -0.24
C TYR B 159 13.86 -13.55 1.04
N VAL B 160 14.90 -12.78 0.85
CA VAL B 160 15.54 -11.94 1.91
C VAL B 160 15.06 -10.53 1.66
N VAL B 161 14.49 -9.90 2.69
CA VAL B 161 13.59 -8.71 2.55
C VAL B 161 14.03 -7.65 3.55
N ARG B 162 14.16 -6.42 3.08
CA ARG B 162 14.28 -5.23 3.95
C ARG B 162 12.87 -4.88 4.40
N VAL B 163 12.62 -4.92 5.71
CA VAL B 163 11.26 -4.73 6.27
C VAL B 163 11.31 -3.54 7.22
N LEU B 164 10.39 -2.59 7.04
CA LEU B 164 10.27 -1.44 7.96
C LEU B 164 9.43 -1.85 9.17
N THR B 165 10.09 -2.50 10.11
CA THR B 165 9.48 -3.01 11.37
C THR B 165 9.23 -1.83 12.31
N GLY B 166 10.09 -0.81 12.26
CA GLY B 166 9.92 0.41 13.07
C GLY B 166 9.73 0.11 14.54
N VAL B 167 8.73 0.76 15.13
CA VAL B 167 8.33 0.52 16.54
C VAL B 167 7.18 -0.49 16.52
N PHE B 168 7.30 -1.56 17.30
CA PHE B 168 6.35 -2.68 17.16
C PHE B 168 5.85 -3.13 18.53
N THR B 169 4.75 -3.88 18.50
CA THR B 169 4.12 -4.46 19.71
C THR B 169 3.70 -5.88 19.36
N LYS B 170 3.33 -6.67 20.38
CA LYS B 170 2.76 -8.02 20.13
C LYS B 170 1.44 -7.86 19.37
N GLY B 171 1.26 -8.60 18.28
CA GLY B 171 0.05 -8.50 17.46
C GLY B 171 -1.09 -9.32 18.04
N ARG B 172 -2.19 -9.35 17.31
CA ARG B 172 -3.43 -10.12 17.67
CA ARG B 172 -3.34 -10.23 17.66
C ARG B 172 -4.08 -10.56 16.37
N ALA B 173 -4.69 -11.76 16.33
CA ALA B 173 -5.31 -12.31 15.11
C ALA B 173 -6.29 -11.32 14.46
N GLY B 174 -7.01 -10.51 15.23
CA GLY B 174 -8.05 -9.63 14.64
C GLY B 174 -7.52 -8.48 13.75
N LEU B 175 -6.24 -8.13 13.83
CA LEU B 175 -5.71 -6.86 13.27
C LEU B 175 -5.75 -6.84 11.73
N VAL B 176 -6.21 -5.74 11.14
CA VAL B 176 -6.10 -5.47 9.67
C VAL B 176 -5.12 -4.31 9.42
N THR B 177 -4.74 -3.59 10.47
CA THR B 177 -3.65 -2.57 10.53
C THR B 177 -2.95 -2.73 11.87
N PRO B 178 -1.75 -2.15 12.08
CA PRO B 178 -1.08 -2.26 13.36
C PRO B 178 -1.93 -1.51 14.38
N PRO B 179 -1.89 -1.89 15.67
CA PRO B 179 -2.76 -1.25 16.64
C PRO B 179 -2.24 0.15 16.96
N PRO B 180 -3.10 1.00 17.56
CA PRO B 180 -2.65 2.33 18.02
C PRO B 180 -1.68 2.16 19.18
N LYS B 181 -0.71 3.06 19.33
CA LYS B 181 0.20 3.08 20.50
C LYS B 181 -0.60 3.43 21.75
N ASN B 182 -1.65 4.23 21.58
CA ASN B 182 -2.50 4.82 22.63
C ASN B 182 -3.96 4.69 22.20
N PRO B 183 -4.82 4.04 23.02
CA PRO B 183 -6.22 3.83 22.63
C PRO B 183 -7.02 5.14 22.46
N HIS B 184 -6.58 6.24 23.09
CA HIS B 184 -7.28 7.54 23.00
C HIS B 184 -6.73 8.36 21.83
N ASN B 185 -5.78 7.81 21.07
CA ASN B 185 -5.31 8.38 19.78
C ASN B 185 -5.27 7.27 18.74
N PRO B 186 -6.45 6.87 18.20
CA PRO B 186 -6.54 5.69 17.35
C PRO B 186 -5.74 5.75 16.03
N THR B 187 -5.30 6.93 15.56
CA THR B 187 -4.62 7.10 14.25
C THR B 187 -3.09 7.06 14.36
N ASP B 188 -2.52 7.08 15.56
CA ASP B 188 -1.04 7.09 15.75
C ASP B 188 -0.60 5.64 16.03
N LEU B 189 -0.18 4.93 14.97
CA LEU B 189 -0.05 3.45 14.94
C LEU B 189 1.38 3.03 15.24
N PHE B 190 1.54 1.84 15.81
CA PHE B 190 2.76 1.01 15.68
C PHE B 190 3.03 0.80 14.18
N ASP B 191 4.29 0.59 13.83
CA ASP B 191 4.72 0.41 12.42
C ASP B 191 4.45 -1.05 12.01
N SER B 192 4.61 -1.98 12.93
CA SER B 192 4.48 -3.43 12.68
C SER B 192 4.08 -4.15 13.96
N VAL B 193 3.79 -5.44 13.86
CA VAL B 193 3.56 -6.29 15.06
C VAL B 193 4.45 -7.52 14.97
N THR B 194 4.60 -8.18 16.11
CA THR B 194 5.49 -9.34 16.29
C THR B 194 4.75 -10.39 17.13
N ASN B 195 5.32 -11.58 17.26
CA ASN B 195 4.76 -12.69 18.07
C ASN B 195 5.12 -12.46 19.54
N ASN B 196 6.22 -11.74 19.81
CA ASN B 196 6.85 -11.64 21.16
C ASN B 196 7.84 -10.47 21.16
N THR B 197 7.61 -9.41 21.94
CA THR B 197 8.42 -8.16 21.83
C THR B 197 9.79 -8.38 22.48
N ARG B 198 9.91 -9.29 23.44
CA ARG B 198 11.20 -9.57 24.14
C ARG B 198 12.09 -10.50 23.30
N SER B 199 11.53 -11.42 22.50
CA SER B 199 12.29 -12.28 21.53
C SER B 199 11.52 -12.36 20.22
N PRO B 200 11.50 -11.31 19.39
CA PRO B 200 10.73 -11.38 18.14
C PRO B 200 11.29 -12.45 17.19
N LYS B 201 10.41 -13.34 16.70
CA LYS B 201 10.75 -14.35 15.66
C LYS B 201 9.96 -14.10 14.39
N LEU B 202 8.85 -13.36 14.46
CA LEU B 202 8.18 -12.93 13.22
C LEU B 202 7.61 -11.52 13.34
N PHE B 203 7.50 -10.87 12.20
CA PHE B 203 6.94 -9.53 12.07
C PHE B 203 5.84 -9.55 11.01
N VAL B 204 4.83 -8.72 11.23
CA VAL B 204 3.68 -8.59 10.30
C VAL B 204 3.60 -7.12 9.90
N VAL B 205 3.52 -6.85 8.61
CA VAL B 205 3.32 -5.46 8.12
C VAL B 205 2.00 -5.44 7.35
N PHE B 206 1.35 -4.27 7.33
CA PHE B 206 -0.06 -4.13 6.90
C PHE B 206 -0.17 -3.11 5.76
N PHE B 207 0.96 -2.63 5.22
CA PHE B 207 0.96 -1.58 4.15
C PHE B 207 1.89 -1.97 3.01
N ASP B 208 1.51 -1.54 1.80
CA ASP B 208 2.29 -1.75 0.56
C ASP B 208 3.58 -0.94 0.69
N ASN B 209 4.68 -1.46 0.14
CA ASN B 209 5.96 -0.71 0.06
C ASN B 209 6.57 -0.56 1.46
N GLN B 210 6.19 -1.39 2.42
CA GLN B 210 6.85 -1.42 3.74
C GLN B 210 7.92 -2.53 3.76
N ALA B 211 8.06 -3.26 2.66
CA ALA B 211 9.01 -4.38 2.52
C ALA B 211 9.59 -4.39 1.11
N TYR B 212 10.90 -4.51 0.99
CA TYR B 212 11.57 -4.57 -0.34
C TYR B 212 12.21 -5.94 -0.49
N PRO B 213 11.77 -6.73 -1.49
CA PRO B 213 12.32 -8.06 -1.72
C PRO B 213 13.70 -7.86 -2.35
N GLU B 214 14.77 -8.11 -1.59
CA GLU B 214 16.14 -7.75 -2.05
C GLU B 214 16.83 -8.94 -2.73
N TYR B 215 16.67 -10.15 -2.20
CA TYR B 215 17.29 -11.39 -2.73
C TYR B 215 16.24 -12.49 -2.77
N LEU B 216 16.34 -13.32 -3.81
CA LEU B 216 15.60 -14.58 -3.95
C LEU B 216 16.61 -15.73 -3.82
N ILE B 217 16.42 -16.57 -2.80
CA ILE B 217 17.22 -17.81 -2.61
C ILE B 217 16.40 -18.96 -3.20
N THR B 218 16.98 -19.66 -4.18
CA THR B 218 16.46 -20.96 -4.68
C THR B 218 17.27 -22.04 -3.98
N PHE B 219 16.59 -23.01 -3.34
CA PHE B 219 17.24 -24.05 -2.52
C PHE B 219 16.47 -25.38 -2.65
N THR B 220 17.13 -26.46 -2.26
CA THR B 220 16.63 -27.85 -2.42
C THR B 220 17.03 -28.64 -1.18
N ALA B 221 16.35 -29.76 -0.92
CA ALA B 221 16.82 -30.78 0.04
C ALA B 221 18.11 -31.42 -0.51
#